data_9K2F
#
_entry.id   9K2F
#
_cell.length_a   40.355
_cell.length_b   103.045
_cell.length_c   122.381
_cell.angle_alpha   90.00
_cell.angle_beta   90.00
_cell.angle_gamma   90.00
#
_symmetry.space_group_name_H-M   'P 21 21 21'
#
loop_
_entity.id
_entity.type
_entity.pdbx_description
1 polymer CyaF
2 non-polymer S-ADENOSYL-L-HOMOCYSTEINE
3 water water
#
_entity_poly.entity_id   1
_entity_poly.type   'polypeptide(L)'
_entity_poly.pdbx_seq_one_letter_code
;MGSSHHHHHHSSGLVPRGSHMILDSGRNNGVNWERYWRDVTSDAGTPSPPWHFGSGAEMAPYLPVMLDHLAPELPLVDLG
CGDGLLTDHLARHYPVVVGVDVSPAAIAAARGRARPGLSFDVLDATDVEAAARLRATVGEANVHLRGVLHAMDPADWPAA
LTTLATLTGRRGRVFDIEITPAFSDAVEEMLGKFAAPPPGMAAVARSGLRPTELDSPSLRALYEDTGWTVVAAEELTGRS
TMRLPDGSYFEYPFTYLVAGRR
;
_entity_poly.pdbx_strand_id   B,D
#
# COMPACT_ATOMS: atom_id res chain seq x y z
N VAL A 31 -8.54 -0.65 -2.50
CA VAL A 31 -8.92 0.37 -1.47
C VAL A 31 -10.41 0.73 -1.64
N ASN A 32 -10.91 1.01 -2.86
CA ASN A 32 -12.35 1.29 -3.11
C ASN A 32 -13.09 0.00 -3.49
N TRP A 33 -13.79 -0.57 -2.54
CA TRP A 33 -14.23 -1.99 -2.57
C TRP A 33 -15.50 -2.16 -3.43
N GLU A 34 -16.36 -1.16 -3.55
CA GLU A 34 -17.46 -1.27 -4.53
C GLU A 34 -16.81 -1.32 -5.92
N ARG A 35 -15.91 -0.37 -6.26
CA ARG A 35 -15.25 -0.33 -7.61
C ARG A 35 -14.65 -1.70 -7.92
N TYR A 36 -13.78 -2.25 -7.05
CA TYR A 36 -13.17 -3.60 -7.22
C TYR A 36 -14.27 -4.60 -7.63
N TRP A 37 -15.27 -4.80 -6.78
CA TRP A 37 -16.27 -5.89 -6.93
C TRP A 37 -17.14 -5.67 -8.18
N ARG A 38 -17.45 -4.44 -8.57
CA ARG A 38 -18.24 -4.18 -9.80
C ARG A 38 -17.44 -4.65 -11.01
N ASP A 39 -16.13 -4.41 -11.04
CA ASP A 39 -15.21 -4.83 -12.13
C ASP A 39 -15.09 -6.35 -12.15
N VAL A 40 -14.81 -6.99 -11.02
CA VAL A 40 -14.65 -8.48 -10.94
C VAL A 40 -15.99 -9.15 -11.27
N THR A 41 -17.10 -8.59 -10.76
CA THR A 41 -18.48 -9.13 -10.89
C THR A 41 -19.08 -8.80 -12.27
N SER A 42 -18.41 -7.97 -13.08
CA SER A 42 -18.89 -7.53 -14.42
C SER A 42 -18.96 -8.70 -15.41
N ASP A 43 -18.30 -9.83 -15.12
CA ASP A 43 -18.14 -11.02 -16.02
C ASP A 43 -19.20 -12.10 -15.67
N ALA A 44 -18.80 -13.21 -15.05
CA ALA A 44 -19.62 -14.38 -14.67
C ALA A 44 -21.00 -14.30 -15.33
N THR A 46 -24.30 -17.15 -13.43
CA THR A 46 -23.62 -18.46 -13.30
C THR A 46 -22.37 -18.29 -12.43
N PRO A 47 -22.48 -18.46 -11.10
CA PRO A 47 -21.32 -18.39 -10.22
C PRO A 47 -20.63 -19.76 -10.18
N SER A 48 -19.30 -19.78 -10.25
CA SER A 48 -18.47 -21.01 -10.29
C SER A 48 -18.50 -21.70 -8.94
N PRO A 49 -19.23 -22.83 -8.76
CA PRO A 49 -19.15 -23.61 -7.53
C PRO A 49 -17.71 -23.80 -7.03
N PRO A 50 -17.49 -23.97 -5.72
CA PRO A 50 -16.13 -24.07 -5.18
C PRO A 50 -15.33 -25.26 -5.74
N TRP A 51 -15.99 -26.37 -6.09
CA TRP A 51 -15.31 -27.59 -6.59
C TRP A 51 -14.59 -27.31 -7.92
N HIS A 52 -14.98 -26.27 -8.68
CA HIS A 52 -14.26 -25.79 -9.90
C HIS A 52 -12.81 -25.41 -9.58
N PHE A 53 -12.60 -24.60 -8.54
CA PHE A 53 -11.30 -23.92 -8.25
C PHE A 53 -10.35 -24.85 -7.48
N GLY A 54 -10.87 -25.73 -6.63
CA GLY A 54 -10.03 -26.60 -5.80
C GLY A 54 -10.78 -27.85 -5.38
N SER A 55 -10.10 -28.73 -4.65
CA SER A 55 -10.69 -29.89 -3.95
C SER A 55 -10.58 -29.66 -2.43
N GLY A 56 -11.10 -28.51 -1.99
CA GLY A 56 -11.22 -28.12 -0.57
C GLY A 56 -9.96 -27.48 -0.02
N ALA A 57 -9.02 -28.32 0.45
CA ALA A 57 -7.85 -27.97 1.29
C ALA A 57 -7.28 -26.59 0.94
N GLU A 58 -7.23 -26.21 -0.34
CA GLU A 58 -6.39 -25.08 -0.86
C GLU A 58 -7.08 -23.73 -0.64
N MET A 59 -8.42 -23.70 -0.68
CA MET A 59 -9.24 -22.47 -0.47
C MET A 59 -9.13 -21.99 0.97
N ALA A 60 -9.28 -22.91 1.92
CA ALA A 60 -9.30 -22.65 3.38
C ALA A 60 -8.43 -23.70 4.07
N PRO A 61 -7.09 -23.61 3.93
CA PRO A 61 -6.19 -24.54 4.62
C PRO A 61 -6.41 -24.53 6.14
N TYR A 62 -6.87 -23.40 6.70
CA TYR A 62 -6.98 -23.18 8.18
C TYR A 62 -8.23 -23.83 8.79
N LEU A 63 -9.13 -24.40 7.98
CA LEU A 63 -10.42 -24.95 8.47
C LEU A 63 -10.23 -25.78 9.75
N PRO A 64 -9.22 -26.67 9.86
CA PRO A 64 -9.00 -27.44 11.09
C PRO A 64 -8.88 -26.57 12.35
N VAL A 65 -8.16 -25.46 12.23
CA VAL A 65 -7.97 -24.50 13.36
C VAL A 65 -9.34 -23.94 13.74
N MET A 66 -10.26 -23.80 12.77
CA MET A 66 -11.64 -23.29 13.01
C MET A 66 -12.50 -24.37 13.65
N LEU A 67 -12.37 -25.61 13.20
CA LEU A 67 -13.20 -26.72 13.74
C LEU A 67 -12.80 -26.96 15.20
N ASP A 68 -11.48 -26.94 15.46
CA ASP A 68 -10.89 -27.19 16.80
C ASP A 68 -11.32 -26.15 17.84
N HIS A 69 -11.22 -24.85 17.53
CA HIS A 69 -11.30 -23.72 18.51
C HIS A 69 -12.63 -22.96 18.44
N LEU A 70 -13.35 -22.96 17.32
CA LEU A 70 -14.69 -22.33 17.28
C LEU A 70 -15.71 -23.33 17.83
N ALA A 71 -16.80 -22.81 18.42
CA ALA A 71 -17.95 -23.57 18.95
C ALA A 71 -18.78 -24.11 17.80
N PRO A 72 -19.17 -25.41 17.82
CA PRO A 72 -19.79 -26.03 16.65
C PRO A 72 -21.28 -25.70 16.43
N GLU A 73 -21.99 -25.24 17.47
CA GLU A 73 -23.48 -25.06 17.46
C GLU A 73 -23.90 -23.72 16.82
N LEU A 74 -23.04 -22.69 16.86
CA LEU A 74 -23.39 -21.28 16.54
C LEU A 74 -23.33 -21.05 15.04
N PRO A 75 -24.22 -20.22 14.45
CA PRO A 75 -24.06 -19.78 13.07
C PRO A 75 -22.72 -19.06 12.83
N LEU A 76 -22.26 -19.07 11.57
CA LEU A 76 -20.98 -18.44 11.14
C LEU A 76 -21.26 -17.15 10.39
N VAL A 77 -20.57 -16.09 10.76
CA VAL A 77 -20.55 -14.86 9.93
C VAL A 77 -19.21 -14.81 9.20
N ASP A 78 -19.27 -14.66 7.89
CA ASP A 78 -18.07 -14.34 7.10
C ASP A 78 -18.04 -12.82 6.94
N LEU A 79 -17.22 -12.13 7.73
CA LEU A 79 -17.03 -10.67 7.58
C LEU A 79 -16.10 -10.42 6.40
N GLY A 80 -16.54 -9.62 5.44
CA GLY A 80 -15.83 -9.38 4.16
C GLY A 80 -15.94 -10.60 3.27
N CYS A 81 -17.18 -10.99 2.93
CA CYS A 81 -17.52 -12.26 2.24
C CYS A 81 -17.23 -12.14 0.74
N GLY A 82 -17.22 -10.91 0.22
CA GLY A 82 -16.97 -10.65 -1.21
C GLY A 82 -18.06 -11.25 -2.07
N ASP A 83 -17.67 -11.88 -3.18
CA ASP A 83 -18.58 -12.45 -4.22
C ASP A 83 -19.24 -13.72 -3.66
N GLY A 84 -18.67 -14.30 -2.61
CA GLY A 84 -19.32 -15.37 -1.83
C GLY A 84 -18.65 -16.73 -2.00
N LEU A 85 -17.50 -16.77 -2.67
CA LEU A 85 -16.81 -18.04 -3.02
C LEU A 85 -16.44 -18.79 -1.73
N LEU A 86 -15.56 -18.23 -0.91
CA LEU A 86 -15.05 -18.92 0.29
C LEU A 86 -16.20 -19.23 1.25
N THR A 87 -17.27 -18.43 1.21
CA THR A 87 -18.42 -18.57 2.15
C THR A 87 -19.33 -19.69 1.65
N ASP A 88 -19.32 -19.96 0.34
CA ASP A 88 -20.00 -21.15 -0.25
C ASP A 88 -19.28 -22.40 0.30
N HIS A 89 -17.95 -22.40 0.22
CA HIS A 89 -17.09 -23.49 0.76
C HIS A 89 -17.41 -23.73 2.25
N LEU A 90 -17.31 -22.69 3.08
CA LEU A 90 -17.51 -22.82 4.54
C LEU A 90 -18.93 -23.32 4.84
N ALA A 91 -19.93 -22.92 4.07
CA ALA A 91 -21.36 -23.28 4.27
C ALA A 91 -21.66 -24.72 3.83
N ARG A 92 -20.64 -25.46 3.38
CA ARG A 92 -20.73 -26.93 3.12
C ARG A 92 -20.15 -27.72 4.31
N HIS A 93 -19.66 -27.02 5.34
CA HIS A 93 -19.14 -27.62 6.59
C HIS A 93 -19.92 -27.08 7.79
N TYR A 94 -20.59 -25.93 7.66
CA TYR A 94 -21.30 -25.24 8.76
C TYR A 94 -22.77 -25.07 8.38
N PRO A 95 -23.72 -25.57 9.21
CA PRO A 95 -25.14 -25.63 8.83
C PRO A 95 -25.78 -24.31 8.43
N VAL A 96 -25.44 -23.22 9.12
CA VAL A 96 -26.05 -21.85 8.98
C VAL A 96 -24.93 -20.80 8.88
N VAL A 97 -24.86 -20.08 7.77
CA VAL A 97 -23.74 -19.14 7.51
C VAL A 97 -24.31 -17.90 6.85
N VAL A 98 -23.89 -16.72 7.35
CA VAL A 98 -24.23 -15.39 6.77
C VAL A 98 -22.93 -14.68 6.42
N GLY A 99 -22.73 -14.44 5.13
CA GLY A 99 -21.63 -13.62 4.61
C GLY A 99 -22.07 -12.18 4.50
N VAL A 100 -21.24 -11.25 4.94
CA VAL A 100 -21.57 -9.80 4.89
C VAL A 100 -20.37 -9.04 4.36
N ASP A 101 -20.63 -7.93 3.66
CA ASP A 101 -19.57 -7.10 3.05
C ASP A 101 -20.08 -5.67 2.88
N VAL A 102 -19.18 -4.69 3.04
CA VAL A 102 -19.41 -3.25 2.67
C VAL A 102 -20.09 -3.15 1.30
N SER A 103 -19.55 -3.86 0.30
CA SER A 103 -19.79 -3.64 -1.16
C SER A 103 -21.11 -4.27 -1.58
N PRO A 104 -22.13 -3.45 -1.97
CA PRO A 104 -23.38 -3.95 -2.54
C PRO A 104 -23.18 -4.85 -3.75
N ALA A 105 -22.29 -4.45 -4.66
CA ALA A 105 -21.92 -5.22 -5.86
C ALA A 105 -21.52 -6.64 -5.42
N ALA A 106 -20.63 -6.76 -4.43
CA ALA A 106 -20.14 -8.05 -3.90
C ALA A 106 -21.35 -8.91 -3.50
N ILE A 107 -22.27 -8.33 -2.74
CA ILE A 107 -23.48 -9.05 -2.26
C ILE A 107 -24.41 -9.38 -3.45
N ALA A 108 -24.62 -8.46 -4.39
CA ALA A 108 -25.47 -8.74 -5.56
C ALA A 108 -24.97 -10.03 -6.25
N ALA A 109 -23.65 -10.24 -6.33
CA ALA A 109 -23.03 -11.43 -6.93
C ALA A 109 -23.11 -12.62 -5.97
N ALA A 110 -22.84 -12.41 -4.70
CA ALA A 110 -22.85 -13.45 -3.66
C ALA A 110 -24.25 -14.07 -3.57
N ARG A 111 -25.29 -13.27 -3.74
CA ARG A 111 -26.70 -13.72 -3.61
C ARG A 111 -26.99 -14.82 -4.65
N GLY A 112 -26.33 -14.78 -5.81
CA GLY A 112 -26.36 -15.87 -6.80
C GLY A 112 -26.06 -17.22 -6.17
N ARG A 113 -25.14 -17.29 -5.19
CA ARG A 113 -24.75 -18.55 -4.48
C ARG A 113 -25.78 -18.88 -3.37
N ALA A 114 -26.81 -18.06 -3.16
CA ALA A 114 -27.73 -18.21 -2.01
C ALA A 114 -28.52 -19.52 -2.13
N ARG A 115 -28.73 -20.17 -0.99
CA ARG A 115 -29.50 -21.43 -0.80
C ARG A 115 -29.90 -21.51 0.66
N PRO A 116 -30.84 -22.38 1.08
CA PRO A 116 -31.17 -22.53 2.50
C PRO A 116 -29.90 -22.83 3.31
N GLY A 117 -29.64 -22.02 4.34
CA GLY A 117 -28.49 -22.14 5.26
C GLY A 117 -27.26 -21.34 4.84
N LEU A 118 -27.37 -20.58 3.74
CA LEU A 118 -26.29 -19.68 3.24
C LEU A 118 -26.93 -18.34 2.86
N SER A 119 -26.47 -17.26 3.47
CA SER A 119 -27.17 -15.96 3.50
C SER A 119 -26.17 -14.82 3.30
N PHE A 120 -26.52 -13.82 2.49
CA PHE A 120 -25.60 -12.72 2.15
C PHE A 120 -26.26 -11.36 2.34
N ASP A 121 -25.59 -10.50 3.11
CA ASP A 121 -26.09 -9.14 3.40
C ASP A 121 -24.95 -8.12 3.31
N VAL A 122 -25.34 -6.86 3.08
CA VAL A 122 -24.46 -5.65 3.16
C VAL A 122 -24.26 -5.32 4.63
N LEU A 123 -23.02 -5.32 5.10
CA LEU A 123 -22.65 -4.88 6.47
C LEU A 123 -21.29 -4.20 6.42
N ASP A 124 -21.26 -2.94 6.82
CA ASP A 124 -20.04 -2.18 7.09
C ASP A 124 -19.62 -2.52 8.53
N ALA A 125 -18.42 -3.09 8.72
CA ALA A 125 -17.89 -3.55 10.02
C ALA A 125 -17.78 -2.37 11.00
N THR A 126 -17.74 -1.15 10.49
CA THR A 126 -17.75 0.14 11.22
C THR A 126 -19.11 0.35 11.91
N ASP A 127 -20.19 -0.05 11.23
CA ASP A 127 -21.59 0.29 11.55
C ASP A 127 -22.08 -0.71 12.61
N VAL A 128 -21.80 -0.37 13.86
CA VAL A 128 -22.06 -1.21 15.07
C VAL A 128 -23.57 -1.39 15.20
N GLU A 129 -24.35 -0.41 14.80
CA GLU A 129 -25.83 -0.49 14.90
C GLU A 129 -26.28 -1.66 14.00
N ALA A 130 -25.79 -1.72 12.76
CA ALA A 130 -26.10 -2.79 11.79
C ALA A 130 -25.61 -4.14 12.34
N ALA A 131 -24.43 -4.16 12.98
CA ALA A 131 -23.82 -5.34 13.61
C ALA A 131 -24.73 -5.85 14.74
N ALA A 132 -25.31 -4.94 15.53
CA ALA A 132 -26.28 -5.26 16.59
C ALA A 132 -27.57 -5.82 15.96
N ARG A 133 -28.05 -5.24 14.84
CA ARG A 133 -29.31 -5.70 14.18
C ARG A 133 -29.11 -7.14 13.73
N LEU A 134 -27.96 -7.44 13.15
CA LEU A 134 -27.60 -8.84 12.76
C LEU A 134 -27.62 -9.74 14.00
N ARG A 135 -26.90 -9.36 15.06
CA ARG A 135 -26.80 -10.14 16.33
C ARG A 135 -28.20 -10.47 16.86
N ALA A 136 -29.16 -9.54 16.81
CA ALA A 136 -30.54 -9.76 17.25
C ALA A 136 -31.21 -10.80 16.34
N THR A 137 -31.02 -10.71 15.02
CA THR A 137 -31.61 -11.66 14.02
C THR A 137 -30.97 -13.04 14.15
N VAL A 138 -29.64 -13.08 14.05
CA VAL A 138 -28.85 -14.34 13.90
C VAL A 138 -28.76 -15.06 15.24
N GLY A 139 -28.56 -14.34 16.34
CA GLY A 139 -28.08 -14.87 17.62
C GLY A 139 -26.58 -14.74 17.74
N GLU A 140 -26.02 -15.07 18.91
CA GLU A 140 -24.55 -15.10 19.11
C GLU A 140 -23.98 -15.99 18.02
N ALA A 141 -22.83 -15.61 17.46
CA ALA A 141 -22.21 -16.24 16.28
C ALA A 141 -20.70 -16.35 16.46
N ASN A 142 -20.06 -17.21 15.64
CA ASN A 142 -18.61 -17.13 15.34
C ASN A 142 -18.45 -16.21 14.14
N VAL A 143 -17.29 -15.58 14.02
CA VAL A 143 -17.00 -14.70 12.84
C VAL A 143 -15.66 -15.11 12.25
N HIS A 144 -15.68 -15.34 10.95
CA HIS A 144 -14.47 -15.53 10.12
C HIS A 144 -14.18 -14.21 9.38
N LEU A 145 -12.98 -13.69 9.57
CA LEU A 145 -12.48 -12.48 8.86
C LEU A 145 -11.34 -12.90 7.96
N ARG A 146 -11.46 -12.68 6.66
CA ARG A 146 -10.26 -12.79 5.79
C ARG A 146 -9.98 -11.43 5.16
N GLY A 147 -8.85 -10.85 5.58
CA GLY A 147 -8.22 -9.65 4.96
C GLY A 147 -8.87 -8.35 5.41
N VAL A 148 -9.90 -8.42 6.25
CA VAL A 148 -10.86 -7.28 6.40
C VAL A 148 -10.17 -6.15 7.15
N LEU A 149 -9.32 -6.47 8.14
CA LEU A 149 -8.68 -5.44 8.99
C LEU A 149 -7.71 -4.60 8.15
N HIS A 150 -6.92 -5.19 7.25
CA HIS A 150 -5.99 -4.44 6.36
C HIS A 150 -6.74 -3.82 5.19
N ALA A 151 -7.97 -4.28 4.95
CA ALA A 151 -8.84 -3.74 3.89
C ALA A 151 -9.41 -2.39 4.31
N MET A 152 -9.32 -2.06 5.61
CA MET A 152 -9.90 -0.81 6.15
C MET A 152 -8.81 0.00 6.85
N ASP A 153 -9.18 1.20 7.31
CA ASP A 153 -8.30 2.23 7.92
C ASP A 153 -8.10 1.90 9.40
N PRO A 154 -6.85 1.84 9.91
CA PRO A 154 -6.62 1.62 11.35
C PRO A 154 -7.56 2.40 12.27
N ALA A 155 -8.00 3.57 11.83
CA ALA A 155 -8.97 4.43 12.54
C ALA A 155 -10.31 3.71 12.73
N ASP A 156 -10.66 2.76 11.84
CA ASP A 156 -11.98 2.10 11.91
C ASP A 156 -11.87 0.78 12.70
N TRP A 157 -10.67 0.43 13.17
CA TRP A 157 -10.40 -0.84 13.89
C TRP A 157 -11.15 -0.92 15.21
N PRO A 158 -11.10 0.10 16.09
CA PRO A 158 -11.90 0.06 17.32
C PRO A 158 -13.38 -0.27 17.03
N ALA A 159 -13.97 0.34 15.99
CA ALA A 159 -15.38 0.14 15.62
C ALA A 159 -15.62 -1.31 15.15
N ALA A 160 -14.69 -1.82 14.35
CA ALA A 160 -14.72 -3.19 13.80
C ALA A 160 -14.68 -4.19 14.97
N LEU A 161 -13.76 -4.01 15.92
CA LEU A 161 -13.63 -4.91 17.09
C LEU A 161 -14.91 -4.84 17.91
N THR A 162 -15.55 -3.67 17.97
CA THR A 162 -16.84 -3.51 18.68
C THR A 162 -17.92 -4.31 17.92
N THR A 163 -17.96 -4.20 16.59
CA THR A 163 -18.88 -4.98 15.73
C THR A 163 -18.68 -6.48 16.05
N LEU A 164 -17.42 -6.90 16.19
CA LEU A 164 -17.01 -8.31 16.45
C LEU A 164 -17.48 -8.75 17.85
N ALA A 165 -17.34 -7.90 18.85
CA ALA A 165 -17.79 -8.19 20.22
C ALA A 165 -19.29 -8.37 20.22
N THR A 166 -20.01 -7.63 19.36
CA THR A 166 -21.49 -7.58 19.30
C THR A 166 -22.05 -8.86 18.65
N LEU A 167 -21.39 -9.36 17.60
CA LEU A 167 -21.82 -10.58 16.88
C LEU A 167 -21.51 -11.82 17.72
N THR A 168 -20.33 -11.89 18.34
CA THR A 168 -19.81 -13.07 19.09
C THR A 168 -20.57 -13.25 20.41
N GLY A 169 -20.96 -12.15 21.07
CA GLY A 169 -21.48 -12.16 22.43
C GLY A 169 -20.56 -12.93 23.37
N ARG A 170 -21.15 -13.82 24.16
CA ARG A 170 -20.48 -14.60 25.22
C ARG A 170 -19.85 -15.85 24.60
N ARG A 171 -20.65 -16.63 23.87
CA ARG A 171 -20.29 -17.99 23.38
C ARG A 171 -19.40 -17.89 22.12
N GLY A 172 -19.46 -16.78 21.38
CA GLY A 172 -18.90 -16.68 20.01
C GLY A 172 -17.41 -16.46 20.01
N ARG A 173 -16.77 -16.74 18.86
CA ARG A 173 -15.30 -16.54 18.68
C ARG A 173 -15.03 -16.01 17.28
N VAL A 174 -13.84 -15.44 17.08
CA VAL A 174 -13.42 -14.90 15.76
C VAL A 174 -12.20 -15.68 15.30
N PHE A 175 -12.23 -16.08 14.04
CA PHE A 175 -11.04 -16.46 13.26
C PHE A 175 -10.75 -15.27 12.34
N ASP A 176 -9.61 -14.64 12.55
CA ASP A 176 -9.16 -13.53 11.70
C ASP A 176 -7.83 -13.94 11.09
N ILE A 177 -7.74 -13.86 9.76
CA ILE A 177 -6.49 -14.11 8.98
C ILE A 177 -6.21 -12.88 8.11
N GLU A 178 -4.95 -12.44 8.16
CA GLU A 178 -4.52 -11.19 7.51
C GLU A 178 -3.19 -11.44 6.82
N ILE A 179 -3.02 -10.91 5.60
CA ILE A 179 -1.72 -10.87 4.86
C ILE A 179 -0.70 -10.08 5.68
N THR A 180 0.44 -10.69 5.99
CA THR A 180 1.54 -10.17 6.85
C THR A 180 2.13 -8.89 6.25
N PRO A 181 2.75 -8.02 7.06
CA PRO A 181 3.54 -6.91 6.53
C PRO A 181 4.67 -7.30 5.57
N ALA A 182 5.10 -8.56 5.59
CA ALA A 182 6.27 -9.02 4.80
C ALA A 182 5.85 -9.40 3.37
N PHE A 183 4.56 -9.26 3.04
CA PHE A 183 4.05 -9.32 1.65
C PHE A 183 4.76 -8.27 0.78
N SER A 184 4.82 -7.02 1.26
CA SER A 184 5.51 -5.92 0.56
C SER A 184 6.93 -6.37 0.21
N ASP A 185 7.62 -6.97 1.20
CA ASP A 185 9.00 -7.51 1.04
C ASP A 185 9.03 -8.57 -0.08
N ALA A 186 8.05 -9.48 -0.11
CA ALA A 186 7.93 -10.53 -1.15
C ALA A 186 7.76 -9.89 -2.53
N VAL A 187 6.87 -8.89 -2.64
CA VAL A 187 6.59 -8.14 -3.89
C VAL A 187 7.89 -7.46 -4.35
N GLU A 188 8.60 -6.78 -3.45
CA GLU A 188 9.90 -6.10 -3.73
C GLU A 188 10.89 -7.11 -4.32
N GLU A 189 11.02 -8.28 -3.70
CA GLU A 189 11.91 -9.37 -4.15
C GLU A 189 11.53 -9.75 -5.58
N MET A 190 10.25 -10.04 -5.81
CA MET A 190 9.71 -10.38 -7.14
C MET A 190 10.09 -9.28 -8.14
N LEU A 191 9.74 -8.03 -7.86
CA LEU A 191 9.93 -6.89 -8.81
C LEU A 191 11.41 -6.79 -9.18
N GLY A 192 12.30 -6.81 -8.18
CA GLY A 192 13.76 -6.68 -8.39
C GLY A 192 14.29 -7.72 -9.36
N LYS A 193 13.70 -8.92 -9.35
CA LYS A 193 14.18 -10.10 -10.12
C LYS A 193 13.60 -10.13 -11.54
N PHE A 194 12.30 -9.81 -11.75
CA PHE A 194 11.61 -9.98 -13.05
C PHE A 194 10.95 -8.70 -13.59
N ALA A 195 10.91 -7.62 -12.81
CA ALA A 195 10.25 -6.34 -13.20
C ALA A 195 11.01 -5.19 -12.56
N ALA A 196 12.31 -5.17 -12.78
CA ALA A 196 13.24 -4.25 -12.09
C ALA A 196 12.86 -2.83 -12.44
N PRO A 197 12.91 -1.90 -11.46
CA PRO A 197 12.63 -0.50 -11.75
C PRO A 197 13.68 0.10 -12.68
N PRO A 198 13.35 1.17 -13.44
CA PRO A 198 14.36 1.93 -14.18
C PRO A 198 15.54 2.31 -13.29
N PRO A 199 16.79 2.22 -13.78
CA PRO A 199 17.96 2.69 -13.04
C PRO A 199 17.71 4.09 -12.45
N GLY A 200 17.75 4.19 -11.13
CA GLY A 200 17.50 5.43 -10.37
C GLY A 200 16.24 5.38 -9.52
N MET A 201 15.31 4.45 -9.78
CA MET A 201 13.91 4.55 -9.28
C MET A 201 13.63 3.56 -8.14
N ALA A 202 14.67 2.89 -7.61
CA ALA A 202 14.57 1.80 -6.62
C ALA A 202 13.95 2.32 -5.31
N ALA A 203 14.49 3.41 -4.77
CA ALA A 203 14.02 4.05 -3.53
C ALA A 203 12.64 4.67 -3.77
N VAL A 204 12.43 5.28 -4.94
CA VAL A 204 11.11 5.87 -5.31
C VAL A 204 10.06 4.76 -5.23
N ALA A 205 10.39 3.59 -5.76
CA ALA A 205 9.44 2.46 -5.86
C ALA A 205 9.25 1.79 -4.50
N ARG A 206 10.17 1.96 -3.54
CA ARG A 206 9.99 1.37 -2.19
C ARG A 206 8.85 2.11 -1.47
N SER A 207 8.66 3.40 -1.77
CA SER A 207 7.62 4.28 -1.17
C SER A 207 6.23 3.93 -1.76
N GLY A 208 6.20 3.30 -2.94
CA GLY A 208 4.96 2.86 -3.62
C GLY A 208 4.37 1.65 -2.91
N LEU A 209 5.22 1.01 -2.10
CA LEU A 209 4.93 -0.14 -1.20
C LEU A 209 4.38 0.40 0.14
N ARG A 210 3.09 0.75 0.20
CA ARG A 210 2.44 1.10 1.50
C ARG A 210 2.26 -0.17 2.32
N PRO A 211 3.03 -0.36 3.42
CA PRO A 211 3.14 -1.67 4.07
C PRO A 211 1.92 -1.91 4.98
N THR A 212 1.43 -3.15 4.97
CA THR A 212 0.45 -3.71 5.93
C THR A 212 1.01 -3.46 7.34
N GLU A 213 0.18 -3.39 8.39
CA GLU A 213 0.66 -3.07 9.77
C GLU A 213 0.34 -4.19 10.79
N LEU A 214 -0.33 -5.28 10.45
CA LEU A 214 -0.64 -6.34 11.47
C LEU A 214 0.18 -7.61 11.22
N ASP A 215 1.41 -7.67 11.75
CA ASP A 215 2.19 -8.93 11.91
C ASP A 215 1.58 -9.73 13.08
N SER A 216 2.15 -10.90 13.40
CA SER A 216 1.61 -11.83 14.43
C SER A 216 1.54 -11.15 15.79
N PRO A 217 2.63 -10.47 16.25
CA PRO A 217 2.59 -9.75 17.53
C PRO A 217 1.63 -8.54 17.62
N SER A 218 1.30 -7.95 16.47
CA SER A 218 0.51 -6.68 16.39
C SER A 218 -0.99 -7.02 16.29
N LEU A 219 -1.33 -8.10 15.58
CA LEU A 219 -2.72 -8.61 15.49
C LEU A 219 -3.13 -9.14 16.87
N ARG A 220 -2.20 -9.79 17.57
CA ARG A 220 -2.41 -10.32 18.94
C ARG A 220 -2.73 -9.15 19.88
N ALA A 221 -1.92 -8.10 19.83
CA ALA A 221 -2.06 -6.95 20.76
C ALA A 221 -3.43 -6.31 20.55
N LEU A 222 -3.81 -6.05 19.29
CA LEU A 222 -5.05 -5.30 18.95
C LEU A 222 -6.26 -5.98 19.62
N TYR A 223 -6.35 -7.31 19.53
CA TYR A 223 -7.43 -8.13 20.15
C TYR A 223 -7.27 -8.15 21.68
N GLU A 224 -6.03 -8.27 22.17
CA GLU A 224 -5.79 -8.40 23.64
C GLU A 224 -6.04 -7.08 24.37
N ASP A 225 -5.78 -5.93 23.73
CA ASP A 225 -5.89 -4.56 24.34
C ASP A 225 -7.32 -4.05 24.21
N THR A 226 -8.24 -4.88 23.73
CA THR A 226 -9.67 -4.51 23.59
C THR A 226 -10.53 -5.61 24.20
N GLY A 227 -9.94 -6.43 25.08
CA GLY A 227 -10.66 -7.33 26.00
C GLY A 227 -10.97 -8.67 25.39
N TRP A 228 -10.18 -9.10 24.40
CA TRP A 228 -10.26 -10.45 23.79
C TRP A 228 -9.21 -11.37 24.45
N THR A 229 -9.58 -12.62 24.70
CA THR A 229 -8.66 -13.74 25.02
C THR A 229 -8.28 -14.44 23.72
N VAL A 230 -6.98 -14.65 23.48
CA VAL A 230 -6.44 -15.32 22.26
C VAL A 230 -6.22 -16.80 22.58
N VAL A 231 -7.12 -17.66 22.12
CA VAL A 231 -7.00 -19.14 22.27
C VAL A 231 -5.88 -19.66 21.34
N ALA A 232 -5.95 -19.40 20.03
CA ALA A 232 -5.07 -20.03 18.99
C ALA A 232 -4.55 -18.95 18.02
N ALA A 233 -3.22 -18.85 17.88
CA ALA A 233 -2.51 -17.87 17.03
C ALA A 233 -1.32 -18.55 16.37
N GLU A 234 -1.29 -18.60 15.04
CA GLU A 234 -0.15 -19.13 14.26
C GLU A 234 0.03 -18.32 12.96
N GLU A 235 1.01 -18.74 12.15
CA GLU A 235 1.34 -18.14 10.83
C GLU A 235 1.22 -19.21 9.75
N LEU A 236 0.62 -18.84 8.63
CA LEU A 236 0.29 -19.69 7.47
C LEU A 236 0.95 -19.05 6.25
N THR A 237 1.51 -19.88 5.36
CA THR A 237 2.15 -19.45 4.10
C THR A 237 1.39 -20.11 2.94
N GLY A 238 0.65 -19.32 2.14
CA GLY A 238 -0.21 -19.82 1.05
C GLY A 238 0.47 -19.60 -0.28
N ARG A 239 0.79 -20.68 -1.01
CA ARG A 239 1.74 -20.63 -2.15
C ARG A 239 0.97 -20.56 -3.46
N SER A 240 1.56 -19.89 -4.44
CA SER A 240 1.06 -19.86 -5.82
C SER A 240 1.45 -21.19 -6.47
N THR A 241 0.57 -21.70 -7.34
CA THR A 241 0.83 -22.90 -8.17
C THR A 241 1.64 -22.51 -9.41
N MET A 242 1.58 -21.23 -9.84
CA MET A 242 2.35 -20.70 -10.99
C MET A 242 3.82 -20.65 -10.61
N ARG A 243 4.69 -21.12 -11.51
CA ARG A 243 6.15 -21.24 -11.29
C ARG A 243 6.84 -20.05 -11.94
N LEU A 244 7.46 -19.19 -11.15
CA LEU A 244 8.24 -18.05 -11.69
C LEU A 244 9.31 -18.60 -12.65
N PRO A 245 9.81 -17.78 -13.60
CA PRO A 245 10.92 -18.19 -14.45
C PRO A 245 12.20 -18.60 -13.68
N ASP A 246 12.37 -18.07 -12.48
CA ASP A 246 13.47 -18.41 -11.53
C ASP A 246 13.42 -19.89 -11.15
N GLY A 247 12.25 -20.53 -11.20
CA GLY A 247 12.00 -21.86 -10.60
C GLY A 247 11.33 -21.74 -9.24
N SER A 248 11.57 -20.62 -8.55
CA SER A 248 10.90 -20.18 -7.30
C SER A 248 9.38 -20.08 -7.50
N TYR A 249 8.64 -20.19 -6.39
CA TYR A 249 7.17 -19.98 -6.29
C TYR A 249 6.89 -18.79 -5.38
N PHE A 250 5.88 -17.98 -5.71
CA PHE A 250 5.51 -16.81 -4.88
C PHE A 250 4.89 -17.32 -3.57
N GLU A 251 5.35 -16.79 -2.44
CA GLU A 251 4.81 -17.12 -1.09
C GLU A 251 4.03 -15.92 -0.55
N TYR A 252 2.71 -16.03 -0.51
CA TYR A 252 1.79 -15.07 0.17
C TYR A 252 1.87 -15.31 1.68
N PRO A 253 2.49 -14.42 2.47
CA PRO A 253 2.65 -14.62 3.91
C PRO A 253 1.42 -14.18 4.72
N PHE A 254 0.78 -15.11 5.44
CA PHE A 254 -0.41 -14.82 6.29
C PHE A 254 -0.05 -14.95 7.78
N THR A 255 -0.92 -14.39 8.61
CA THR A 255 -1.02 -14.68 10.06
C THR A 255 -2.49 -14.63 10.46
N TYR A 256 -2.83 -15.40 11.49
CA TYR A 256 -4.22 -15.64 11.97
C TYR A 256 -4.20 -15.86 13.47
N LEU A 257 -5.36 -15.66 14.10
CA LEU A 257 -5.63 -16.04 15.50
C LEU A 257 -7.12 -16.27 15.65
N VAL A 258 -7.47 -17.03 16.69
CA VAL A 258 -8.85 -17.21 17.17
C VAL A 258 -8.97 -16.48 18.50
N ALA A 259 -9.96 -15.61 18.64
CA ALA A 259 -10.18 -14.75 19.83
C ALA A 259 -11.58 -14.97 20.40
N GLY A 260 -11.67 -14.97 21.73
CA GLY A 260 -12.92 -14.99 22.49
C GLY A 260 -13.04 -13.76 23.38
N ARG A 261 -14.28 -13.28 23.57
CA ARG A 261 -14.63 -12.19 24.53
C ARG A 261 -14.42 -12.72 25.95
N ARG A 262 -13.51 -12.07 26.70
CA ARG A 262 -13.10 -12.52 28.06
C ARG A 262 -14.21 -12.17 29.06
N VAL B 31 13.21 7.87 10.20
CA VAL B 31 13.59 6.90 11.31
C VAL B 31 13.72 5.48 10.75
N ASN B 32 12.69 4.97 10.08
CA ASN B 32 12.77 3.73 9.24
C ASN B 32 13.57 4.04 7.96
N TRP B 33 13.61 5.30 7.50
CA TRP B 33 14.43 5.73 6.31
C TRP B 33 15.90 5.79 6.70
N GLU B 34 16.22 6.07 7.96
CA GLU B 34 17.61 6.00 8.47
C GLU B 34 18.07 4.55 8.30
N ARG B 35 17.29 3.59 8.79
CA ARG B 35 17.53 2.12 8.63
C ARG B 35 17.78 1.81 7.15
N TYR B 36 16.87 2.17 6.25
CA TYR B 36 16.93 1.81 4.82
C TYR B 36 18.26 2.25 4.18
N TRP B 37 18.81 3.41 4.55
CA TRP B 37 20.02 3.98 3.87
C TRP B 37 21.31 3.37 4.45
N ARG B 38 21.31 2.94 5.71
CA ARG B 38 22.43 2.20 6.35
C ARG B 38 22.64 0.88 5.59
N ASP B 39 21.55 0.16 5.34
CA ASP B 39 21.56 -1.16 4.66
C ASP B 39 21.86 -1.03 3.16
N VAL B 40 21.57 0.12 2.53
CA VAL B 40 21.76 0.28 1.06
C VAL B 40 23.21 0.71 0.76
N THR B 41 23.84 1.46 1.67
CA THR B 41 25.20 2.04 1.48
C THR B 41 26.29 1.04 1.93
N SER B 42 25.92 -0.16 2.39
CA SER B 42 26.85 -1.31 2.62
C SER B 42 27.52 -1.71 1.29
N ASP B 43 26.93 -1.32 0.15
CA ASP B 43 27.50 -1.50 -1.21
C ASP B 43 28.65 -0.51 -1.44
N TRP B 51 32.93 11.75 -12.61
CA TRP B 51 32.41 10.38 -12.38
C TRP B 51 31.66 9.93 -13.64
N HIS B 52 30.98 8.78 -13.57
CA HIS B 52 30.27 8.14 -14.70
C HIS B 52 28.74 8.28 -14.51
N PHE B 53 27.97 8.15 -15.60
CA PHE B 53 26.50 8.36 -15.66
C PHE B 53 25.89 7.38 -16.69
N GLY B 54 24.89 6.60 -16.27
CA GLY B 54 24.13 5.62 -17.08
C GLY B 54 23.94 6.05 -18.52
N SER B 55 22.92 6.86 -18.82
CA SER B 55 22.63 7.42 -20.17
C SER B 55 22.29 8.93 -20.07
N GLY B 56 21.44 9.45 -20.98
CA GLY B 56 21.04 10.87 -21.01
C GLY B 56 19.90 11.17 -20.05
N ALA B 57 18.73 11.49 -20.59
CA ALA B 57 17.47 11.74 -19.85
C ALA B 57 16.85 10.41 -19.37
N GLU B 58 17.66 9.34 -19.28
CA GLU B 58 17.26 8.04 -18.68
C GLU B 58 16.98 8.25 -17.17
N MET B 59 17.94 8.85 -16.45
CA MET B 59 17.82 9.22 -15.01
C MET B 59 16.63 10.16 -14.80
N ALA B 60 16.65 11.33 -15.47
CA ALA B 60 15.67 12.42 -15.31
C ALA B 60 14.98 12.75 -16.63
N PRO B 61 13.99 11.94 -17.09
CA PRO B 61 13.24 12.24 -18.31
C PRO B 61 12.37 13.51 -18.28
N TYR B 62 12.19 14.11 -17.10
CA TYR B 62 11.42 15.37 -16.88
C TYR B 62 12.36 16.58 -16.99
N LEU B 63 13.66 16.35 -17.16
CA LEU B 63 14.72 17.41 -17.19
C LEU B 63 14.31 18.58 -18.08
N PRO B 64 13.98 18.38 -19.37
CA PRO B 64 13.49 19.48 -20.22
C PRO B 64 12.37 20.30 -19.58
N VAL B 65 11.42 19.65 -18.91
CA VAL B 65 10.30 20.32 -18.18
C VAL B 65 10.91 21.21 -17.09
N MET B 66 11.87 20.69 -16.31
CA MET B 66 12.55 21.44 -15.23
C MET B 66 13.19 22.70 -15.81
N LEU B 67 14.05 22.55 -16.82
CA LEU B 67 14.78 23.70 -17.43
C LEU B 67 13.78 24.71 -18.00
N ASP B 68 12.62 24.25 -18.47
CA ASP B 68 11.58 25.08 -19.11
C ASP B 68 10.86 25.92 -18.04
N HIS B 69 10.68 25.40 -16.81
CA HIS B 69 9.76 25.99 -15.78
C HIS B 69 10.53 26.45 -14.53
N LEU B 70 11.76 25.98 -14.31
CA LEU B 70 12.60 26.29 -13.12
C LEU B 70 13.80 27.14 -13.56
N ALA B 71 13.78 28.44 -13.22
CA ALA B 71 14.88 29.40 -13.46
C ALA B 71 16.23 28.75 -13.14
N PRO B 72 17.23 28.71 -14.05
CA PRO B 72 18.49 28.03 -13.78
C PRO B 72 19.49 28.93 -13.03
N GLU B 73 19.20 30.24 -13.00
CA GLU B 73 19.98 31.27 -12.26
C GLU B 73 19.80 31.06 -10.74
N LEU B 74 18.73 30.37 -10.30
CA LEU B 74 18.42 30.05 -8.87
C LEU B 74 19.10 28.77 -8.42
N PRO B 75 19.51 28.67 -7.14
CA PRO B 75 20.00 27.40 -6.61
C PRO B 75 18.86 26.38 -6.56
N LEU B 76 19.20 25.10 -6.52
CA LEU B 76 18.21 24.00 -6.58
C LEU B 76 18.38 23.10 -5.35
N VAL B 77 17.34 22.95 -4.56
CA VAL B 77 17.34 21.99 -3.43
C VAL B 77 16.74 20.68 -3.92
N ASP B 78 17.43 19.56 -3.75
CA ASP B 78 16.81 18.22 -3.95
C ASP B 78 16.33 17.73 -2.59
N LEU B 79 15.06 17.95 -2.29
CA LEU B 79 14.41 17.45 -1.06
C LEU B 79 14.27 15.93 -1.15
N GLY B 80 14.74 15.20 -0.16
CA GLY B 80 14.69 13.73 -0.17
C GLY B 80 15.68 13.20 -1.20
N CYS B 81 16.92 13.72 -1.15
CA CYS B 81 18.02 13.45 -2.12
C CYS B 81 18.56 12.04 -1.93
N GLY B 82 18.28 11.39 -0.80
CA GLY B 82 18.79 10.04 -0.51
C GLY B 82 20.31 10.00 -0.67
N ASP B 83 20.81 9.01 -1.41
CA ASP B 83 22.26 8.69 -1.58
C ASP B 83 22.92 9.65 -2.60
N GLY B 84 22.19 10.63 -3.16
CA GLY B 84 22.76 11.69 -4.02
C GLY B 84 22.94 11.30 -5.49
N LEU B 85 22.54 10.09 -5.90
CA LEU B 85 22.74 9.62 -7.29
C LEU B 85 22.12 10.64 -8.22
N LEU B 86 20.79 10.82 -8.13
CA LEU B 86 20.05 11.72 -9.04
C LEU B 86 20.51 13.16 -8.81
N THR B 87 20.70 13.59 -7.56
CA THR B 87 21.20 14.96 -7.24
C THR B 87 22.47 15.20 -8.06
N ASP B 88 23.39 14.22 -8.10
CA ASP B 88 24.63 14.36 -8.90
C ASP B 88 24.26 14.67 -10.36
N HIS B 89 23.33 13.91 -10.94
CA HIS B 89 22.95 14.00 -12.38
C HIS B 89 22.18 15.31 -12.65
N LEU B 90 21.43 15.82 -11.67
CA LEU B 90 20.78 17.15 -11.79
C LEU B 90 21.87 18.24 -11.84
N ALA B 91 22.97 18.03 -11.12
CA ALA B 91 24.08 19.00 -11.00
C ALA B 91 24.73 19.27 -12.37
N ARG B 92 24.71 18.29 -13.30
CA ARG B 92 25.31 18.45 -14.66
C ARG B 92 24.67 19.67 -15.32
N HIS B 93 23.44 20.02 -14.95
CA HIS B 93 22.58 21.04 -15.62
C HIS B 93 22.38 22.28 -14.73
N TYR B 94 22.54 22.16 -13.41
CA TYR B 94 22.31 23.26 -12.42
C TYR B 94 23.61 23.54 -11.65
N PRO B 95 24.14 24.79 -11.71
CA PRO B 95 25.44 25.12 -11.11
C PRO B 95 25.51 25.08 -9.56
N VAL B 96 24.42 25.40 -8.86
CA VAL B 96 24.36 25.44 -7.36
C VAL B 96 23.28 24.48 -6.90
N VAL B 97 23.65 23.33 -6.35
CA VAL B 97 22.69 22.26 -5.96
C VAL B 97 22.94 21.87 -4.52
N VAL B 98 21.88 21.71 -3.76
CA VAL B 98 21.94 21.19 -2.37
C VAL B 98 20.99 20.03 -2.28
N GLY B 99 21.49 18.83 -2.05
CA GLY B 99 20.63 17.72 -1.66
C GLY B 99 20.43 17.84 -0.17
N VAL B 100 19.26 17.46 0.32
CA VAL B 100 18.97 17.32 1.77
C VAL B 100 18.07 16.11 1.95
N ASP B 101 18.07 15.56 3.15
CA ASP B 101 17.33 14.32 3.45
C ASP B 101 17.27 14.13 4.96
N VAL B 102 16.21 13.47 5.39
CA VAL B 102 15.91 13.23 6.82
C VAL B 102 16.98 12.32 7.43
N SER B 103 17.52 11.35 6.66
CA SER B 103 18.46 10.30 7.15
C SER B 103 19.90 10.78 7.07
N PRO B 104 20.63 10.83 8.21
CA PRO B 104 22.06 11.17 8.22
C PRO B 104 22.98 10.19 7.46
N ALA B 105 22.63 8.91 7.47
CA ALA B 105 23.27 7.91 6.58
C ALA B 105 23.23 8.41 5.14
N ALA B 106 22.03 8.75 4.62
CA ALA B 106 21.85 9.11 3.19
C ALA B 106 22.79 10.28 2.87
N ILE B 107 22.81 11.27 3.75
CA ILE B 107 23.60 12.51 3.54
C ILE B 107 25.09 12.17 3.57
N ALA B 108 25.52 11.35 4.53
CA ALA B 108 26.93 10.94 4.71
C ALA B 108 27.42 10.27 3.42
N ALA B 109 26.67 9.28 2.93
CA ALA B 109 26.91 8.60 1.62
C ALA B 109 26.87 9.63 0.49
N ALA B 110 25.83 10.45 0.44
CA ALA B 110 25.68 11.50 -0.58
C ALA B 110 26.93 12.39 -0.53
N ARG B 111 27.43 12.69 0.67
CA ARG B 111 28.44 13.75 0.89
C ARG B 111 29.71 13.37 0.13
N GLY B 112 29.95 12.06 -0.02
CA GLY B 112 30.91 11.46 -0.95
C GLY B 112 30.96 12.14 -2.30
N ARG B 113 29.82 12.57 -2.86
CA ARG B 113 29.74 13.12 -4.24
C ARG B 113 29.91 14.63 -4.23
N ALA B 114 30.03 15.25 -3.05
CA ALA B 114 30.14 16.72 -2.88
C ALA B 114 31.26 17.25 -3.80
N ARG B 115 31.12 18.50 -4.21
CA ARG B 115 32.09 19.20 -5.07
C ARG B 115 31.72 20.67 -4.89
N PRO B 116 32.46 21.65 -5.46
CA PRO B 116 31.93 23.00 -5.58
C PRO B 116 30.68 23.02 -6.47
N GLY B 117 29.58 23.58 -5.94
CA GLY B 117 28.31 23.69 -6.65
C GLY B 117 27.38 22.53 -6.39
N LEU B 118 27.82 21.52 -5.64
CA LEU B 118 26.96 20.42 -5.16
C LEU B 118 27.29 20.14 -3.70
N SER B 119 26.27 20.15 -2.84
CA SER B 119 26.42 20.18 -1.37
C SER B 119 25.32 19.32 -0.77
N PHE B 120 25.52 18.72 0.40
CA PHE B 120 24.48 17.88 1.05
C PHE B 120 24.43 18.23 2.53
N ASP B 121 23.27 18.01 3.14
CA ASP B 121 22.95 18.50 4.50
C ASP B 121 21.78 17.65 4.99
N VAL B 122 21.57 17.54 6.30
CA VAL B 122 20.38 16.84 6.85
C VAL B 122 19.22 17.85 7.00
N LEU B 123 18.03 17.49 6.59
CA LEU B 123 16.85 18.36 6.82
C LEU B 123 15.58 17.51 6.73
N ASP B 124 14.81 17.56 7.80
CA ASP B 124 13.44 17.01 7.85
C ASP B 124 12.50 18.06 7.23
N ALA B 125 11.77 17.73 6.18
CA ALA B 125 10.83 18.62 5.46
C ALA B 125 9.73 19.12 6.39
N THR B 126 9.57 18.47 7.54
CA THR B 126 8.60 18.76 8.62
C THR B 126 9.12 19.89 9.52
N ASP B 127 10.42 20.22 9.44
CA ASP B 127 11.10 21.17 10.35
C ASP B 127 11.22 22.53 9.64
N VAL B 128 10.11 23.25 9.54
CA VAL B 128 10.02 24.54 8.81
C VAL B 128 11.14 25.49 9.28
N GLU B 129 11.62 25.37 10.52
CA GLU B 129 12.67 26.30 11.03
C GLU B 129 14.03 25.94 10.42
N ALA B 130 14.30 24.67 10.20
CA ALA B 130 15.45 24.22 9.40
C ALA B 130 15.32 24.80 7.99
N ALA B 131 14.14 24.67 7.37
CA ALA B 131 13.89 25.17 6.00
C ALA B 131 14.24 26.66 5.94
N ALA B 132 13.74 27.44 6.90
CA ALA B 132 14.03 28.88 7.05
C ALA B 132 15.54 29.15 7.04
N ARG B 133 16.30 28.36 7.81
CA ARG B 133 17.77 28.52 7.97
C ARG B 133 18.45 28.25 6.64
N LEU B 134 18.00 27.21 5.93
CA LEU B 134 18.50 26.91 4.58
C LEU B 134 18.17 28.06 3.63
N ARG B 135 16.93 28.55 3.63
CA ARG B 135 16.49 29.63 2.70
C ARG B 135 17.41 30.84 2.86
N ALA B 136 17.73 31.19 4.10
CA ALA B 136 18.53 32.38 4.45
C ALA B 136 20.01 32.15 4.14
N THR B 137 20.43 30.91 3.92
CA THR B 137 21.81 30.58 3.51
C THR B 137 21.92 30.65 1.98
N VAL B 138 21.13 29.87 1.25
CA VAL B 138 21.31 29.62 -0.21
C VAL B 138 20.59 30.70 -1.01
N GLY B 139 19.52 31.27 -0.45
CA GLY B 139 18.62 32.19 -1.15
C GLY B 139 17.35 31.50 -1.62
N GLU B 140 16.40 32.27 -2.12
CA GLU B 140 15.22 31.76 -2.86
C GLU B 140 15.77 30.71 -3.83
N ALA B 141 15.12 29.54 -3.88
CA ALA B 141 15.63 28.34 -4.58
C ALA B 141 14.48 27.57 -5.21
N ASN B 142 14.75 26.92 -6.34
CA ASN B 142 13.84 25.87 -6.88
C ASN B 142 13.99 24.63 -6.02
N VAL B 143 13.01 23.74 -6.03
CA VAL B 143 13.06 22.51 -5.20
C VAL B 143 12.54 21.37 -6.05
N HIS B 144 13.34 20.32 -6.17
CA HIS B 144 12.96 19.09 -6.87
C HIS B 144 12.79 18.00 -5.81
N LEU B 145 11.65 17.31 -5.81
CA LEU B 145 11.35 16.15 -4.94
C LEU B 145 11.08 14.98 -5.88
N ARG B 146 11.69 13.85 -5.61
CA ARG B 146 11.41 12.62 -6.35
C ARG B 146 11.06 11.55 -5.33
N GLY B 147 9.76 11.33 -5.12
CA GLY B 147 9.21 10.22 -4.32
C GLY B 147 8.95 10.61 -2.88
N VAL B 148 8.94 11.90 -2.55
CA VAL B 148 9.12 12.30 -1.12
C VAL B 148 7.77 12.29 -0.40
N LEU B 149 6.69 12.72 -1.07
CA LEU B 149 5.36 12.88 -0.42
C LEU B 149 4.80 11.50 -0.06
N HIS B 150 5.01 10.49 -0.91
CA HIS B 150 4.56 9.10 -0.63
C HIS B 150 5.54 8.40 0.32
N ALA B 151 6.67 9.07 0.61
CA ALA B 151 7.72 8.61 1.52
C ALA B 151 7.40 9.02 2.96
N MET B 152 6.34 9.78 3.21
CA MET B 152 6.07 10.32 4.57
C MET B 152 4.56 10.28 4.88
N ASP B 153 4.22 10.37 6.17
CA ASP B 153 2.82 10.25 6.65
C ASP B 153 2.04 11.42 6.04
N PRO B 154 0.86 11.20 5.41
CA PRO B 154 0.04 12.31 4.93
C PRO B 154 -0.22 13.44 5.93
N ALA B 155 -0.08 13.18 7.23
CA ALA B 155 -0.24 14.21 8.28
C ALA B 155 0.95 15.18 8.27
N ASP B 156 2.09 14.83 7.69
CA ASP B 156 3.30 15.70 7.67
C ASP B 156 3.31 16.58 6.43
N TRP B 157 2.32 16.43 5.55
CA TRP B 157 2.26 17.17 4.27
C TRP B 157 2.12 18.68 4.47
N PRO B 158 1.31 19.17 5.43
CA PRO B 158 1.18 20.60 5.65
C PRO B 158 2.56 21.23 5.88
N ALA B 159 3.34 20.63 6.79
CA ALA B 159 4.67 21.10 7.23
C ALA B 159 5.63 21.01 6.06
N ALA B 160 5.61 19.90 5.32
CA ALA B 160 6.47 19.69 4.15
C ALA B 160 6.22 20.81 3.13
N LEU B 161 4.94 21.16 2.94
CA LEU B 161 4.55 22.12 1.88
C LEU B 161 4.86 23.55 2.34
N THR B 162 4.75 23.80 3.64
CA THR B 162 5.25 25.06 4.25
C THR B 162 6.77 25.14 3.99
N THR B 163 7.50 24.03 4.20
CA THR B 163 8.97 23.97 3.96
C THR B 163 9.25 24.36 2.50
N LEU B 164 8.52 23.74 1.58
CA LEU B 164 8.66 24.05 0.13
C LEU B 164 8.42 25.55 -0.10
N ALA B 165 7.47 26.14 0.62
CA ALA B 165 7.07 27.54 0.41
C ALA B 165 8.16 28.46 0.97
N THR B 166 8.70 28.13 2.15
CA THR B 166 9.88 28.80 2.78
C THR B 166 11.10 28.75 1.86
N LEU B 167 11.33 27.65 1.14
CA LEU B 167 12.55 27.51 0.32
C LEU B 167 12.43 28.31 -0.97
N THR B 168 11.21 28.41 -1.52
CA THR B 168 10.90 28.97 -2.87
C THR B 168 10.72 30.48 -2.81
N GLY B 169 10.15 31.00 -1.72
CA GLY B 169 9.71 32.40 -1.69
C GLY B 169 8.77 32.64 -2.85
N ARG B 170 9.01 33.69 -3.65
CA ARG B 170 8.11 34.07 -4.77
C ARG B 170 8.80 33.87 -6.12
N ARG B 171 10.10 33.57 -6.16
CA ARG B 171 10.83 33.40 -7.46
C ARG B 171 11.08 31.91 -7.76
N GLY B 172 11.16 31.05 -6.73
CA GLY B 172 11.47 29.62 -6.88
C GLY B 172 10.25 28.79 -7.25
N ARG B 173 10.47 27.64 -7.90
CA ARG B 173 9.39 26.68 -8.26
C ARG B 173 9.78 25.26 -7.82
N VAL B 174 8.76 24.46 -7.49
CA VAL B 174 8.95 23.05 -7.09
C VAL B 174 8.62 22.18 -8.28
N PHE B 175 9.52 21.25 -8.61
CA PHE B 175 9.22 20.03 -9.40
C PHE B 175 9.06 18.84 -8.46
N ASP B 176 7.88 18.24 -8.52
CA ASP B 176 7.50 17.13 -7.62
C ASP B 176 6.93 15.99 -8.46
N ILE B 177 7.58 14.81 -8.42
CA ILE B 177 7.12 13.58 -9.11
C ILE B 177 6.87 12.48 -8.06
N GLU B 178 5.74 11.77 -8.18
CA GLU B 178 5.36 10.71 -7.21
C GLU B 178 4.83 9.48 -7.97
N ILE B 179 5.13 8.28 -7.48
CA ILE B 179 4.58 7.00 -7.99
C ILE B 179 3.08 6.97 -7.67
N THR B 180 2.22 6.56 -8.62
CA THR B 180 0.74 6.75 -8.49
C THR B 180 0.15 5.56 -7.75
N PRO B 181 -1.13 5.62 -7.30
CA PRO B 181 -1.84 4.45 -6.79
C PRO B 181 -1.99 3.35 -7.84
N ALA B 182 -1.72 3.66 -9.12
CA ALA B 182 -1.85 2.68 -10.22
C ALA B 182 -0.70 1.67 -10.12
N PHE B 183 0.34 1.98 -9.35
CA PHE B 183 1.50 1.07 -9.15
C PHE B 183 0.99 -0.22 -8.50
N SER B 184 0.25 -0.10 -7.40
CA SER B 184 -0.40 -1.25 -6.72
C SER B 184 -1.30 -2.01 -7.72
N ASP B 185 -2.02 -1.30 -8.60
CA ASP B 185 -2.85 -1.96 -9.65
C ASP B 185 -1.91 -2.76 -10.57
N ALA B 186 -0.71 -2.24 -10.84
CA ALA B 186 0.29 -2.87 -11.75
C ALA B 186 0.90 -4.11 -11.09
N VAL B 187 1.04 -4.11 -9.77
CA VAL B 187 1.58 -5.28 -9.00
C VAL B 187 0.46 -6.33 -8.90
N GLU B 188 -0.79 -5.88 -8.74
CA GLU B 188 -1.96 -6.79 -8.61
C GLU B 188 -2.08 -7.58 -9.91
N GLU B 189 -2.05 -6.85 -11.03
CA GLU B 189 -2.12 -7.42 -12.40
C GLU B 189 -1.01 -8.47 -12.55
N MET B 190 0.21 -8.12 -12.14
CA MET B 190 1.45 -8.95 -12.32
C MET B 190 1.40 -10.19 -11.43
N LEU B 191 1.03 -10.07 -10.16
CA LEU B 191 0.75 -11.24 -9.30
C LEU B 191 -0.36 -12.07 -9.96
N GLY B 192 -1.37 -11.40 -10.54
CA GLY B 192 -2.56 -11.99 -11.19
C GLY B 192 -2.19 -13.12 -12.14
N LYS B 193 -1.08 -12.98 -12.88
CA LYS B 193 -0.76 -13.84 -14.03
C LYS B 193 0.55 -14.61 -13.85
N PHE B 194 1.52 -14.14 -13.06
CA PHE B 194 2.87 -14.77 -12.99
C PHE B 194 3.15 -15.29 -11.57
N ALA B 195 2.20 -15.12 -10.65
CA ALA B 195 2.33 -15.58 -9.25
C ALA B 195 0.95 -15.49 -8.58
N ALA B 196 -0.07 -16.10 -9.20
CA ALA B 196 -1.49 -16.03 -8.76
C ALA B 196 -1.64 -16.68 -7.38
N PRO B 197 -2.38 -16.03 -6.46
CA PRO B 197 -2.59 -16.59 -5.14
C PRO B 197 -3.45 -17.85 -5.25
N PRO B 198 -3.50 -18.68 -4.19
CA PRO B 198 -4.36 -19.86 -4.18
C PRO B 198 -5.80 -19.46 -4.50
N PRO B 199 -6.67 -20.45 -4.82
CA PRO B 199 -7.99 -20.15 -5.37
C PRO B 199 -8.93 -19.43 -4.40
N GLY B 200 -9.59 -18.39 -4.93
CA GLY B 200 -10.51 -17.50 -4.19
C GLY B 200 -9.76 -16.57 -3.25
N MET B 201 -8.44 -16.43 -3.39
CA MET B 201 -7.64 -15.60 -2.46
C MET B 201 -7.17 -14.30 -3.14
N ALA B 202 -7.71 -13.94 -4.31
CA ALA B 202 -7.25 -12.77 -5.09
C ALA B 202 -7.55 -11.47 -4.33
N ALA B 203 -8.71 -11.39 -3.65
CA ALA B 203 -9.15 -10.18 -2.93
C ALA B 203 -8.37 -10.00 -1.62
N VAL B 204 -7.99 -11.10 -0.95
CA VAL B 204 -7.11 -11.07 0.26
C VAL B 204 -5.74 -10.56 -0.16
N ALA B 205 -5.22 -11.03 -1.29
CA ALA B 205 -3.97 -10.51 -1.89
C ALA B 205 -4.11 -8.99 -2.08
N ARG B 206 -5.27 -8.55 -2.58
CA ARG B 206 -5.58 -7.13 -2.87
C ARG B 206 -5.46 -6.32 -1.58
N SER B 207 -5.97 -6.85 -0.46
CA SER B 207 -6.02 -6.16 0.86
C SER B 207 -4.63 -5.74 1.30
N GLY B 208 -3.59 -6.51 0.93
CA GLY B 208 -2.17 -6.28 1.28
C GLY B 208 -1.51 -5.29 0.34
N LEU B 209 -2.13 -5.06 -0.82
CA LEU B 209 -1.64 -4.10 -1.85
C LEU B 209 -2.28 -2.76 -1.55
N ARG B 210 -1.68 -2.00 -0.65
CA ARG B 210 -2.22 -0.70 -0.20
C ARG B 210 -1.64 0.39 -1.11
N PRO B 211 -2.47 1.09 -1.90
CA PRO B 211 -1.97 2.08 -2.85
C PRO B 211 -1.48 3.36 -2.15
N THR B 212 -0.65 4.14 -2.87
CA THR B 212 -0.26 5.53 -2.51
C THR B 212 -1.49 6.43 -2.64
N GLU B 213 -1.42 7.60 -1.99
CA GLU B 213 -2.55 8.51 -1.80
C GLU B 213 -2.70 9.45 -3.00
N LEU B 214 -1.62 9.79 -3.71
CA LEU B 214 -1.59 10.90 -4.70
C LEU B 214 -1.53 10.39 -6.14
N ASP B 215 -2.67 10.41 -6.81
CA ASP B 215 -2.79 10.45 -8.29
C ASP B 215 -2.61 11.89 -8.80
N SER B 216 -2.79 12.10 -10.10
CA SER B 216 -2.70 13.43 -10.77
C SER B 216 -3.61 14.47 -10.09
N PRO B 217 -4.95 14.23 -9.97
CA PRO B 217 -5.84 15.20 -9.32
C PRO B 217 -5.54 15.48 -7.84
N SER B 218 -5.20 14.46 -7.06
CA SER B 218 -4.92 14.63 -5.61
C SER B 218 -3.57 15.36 -5.40
N LEU B 219 -2.61 15.20 -6.33
CA LEU B 219 -1.33 15.96 -6.27
C LEU B 219 -1.68 17.45 -6.49
N ARG B 220 -2.45 17.77 -7.54
CA ARG B 220 -2.91 19.14 -7.89
C ARG B 220 -3.76 19.75 -6.76
N ALA B 221 -4.64 18.99 -6.13
CA ALA B 221 -5.47 19.47 -4.99
C ALA B 221 -4.59 19.80 -3.77
N LEU B 222 -3.51 19.05 -3.55
CA LEU B 222 -2.65 19.21 -2.36
C LEU B 222 -1.95 20.56 -2.47
N TYR B 223 -1.47 20.91 -3.66
CA TYR B 223 -0.71 22.17 -3.88
C TYR B 223 -1.68 23.37 -3.91
N GLU B 224 -2.79 23.24 -4.64
CA GLU B 224 -3.82 24.32 -4.81
C GLU B 224 -4.47 24.64 -3.46
N ASP B 225 -4.85 23.64 -2.67
CA ASP B 225 -5.52 23.85 -1.36
C ASP B 225 -4.57 24.51 -0.36
N THR B 226 -3.25 24.54 -0.62
CA THR B 226 -2.24 25.20 0.27
C THR B 226 -1.78 26.54 -0.34
N GLY B 227 -2.29 26.91 -1.52
CA GLY B 227 -2.15 28.28 -2.08
C GLY B 227 -1.14 28.36 -3.21
N TRP B 228 -0.85 27.24 -3.87
CA TRP B 228 0.16 27.13 -4.96
C TRP B 228 -0.55 27.22 -6.30
N THR B 229 0.15 27.78 -7.28
CA THR B 229 -0.27 27.89 -8.69
C THR B 229 0.49 26.81 -9.48
N VAL B 230 -0.23 25.82 -9.99
CA VAL B 230 0.34 24.75 -10.84
C VAL B 230 0.59 25.33 -12.23
N VAL B 231 1.86 25.41 -12.59
CA VAL B 231 2.35 25.97 -13.87
C VAL B 231 2.30 24.87 -14.92
N ALA B 232 2.57 23.63 -14.53
CA ALA B 232 2.59 22.43 -15.40
C ALA B 232 2.31 21.18 -14.56
N ALA B 233 1.92 20.06 -15.20
CA ALA B 233 1.43 18.83 -14.54
C ALA B 233 1.09 17.80 -15.60
N GLU B 234 1.88 16.74 -15.71
CA GLU B 234 1.66 15.65 -16.67
C GLU B 234 1.84 14.32 -15.93
N GLU B 235 1.74 13.21 -16.65
CA GLU B 235 2.03 11.85 -16.17
C GLU B 235 3.26 11.34 -16.91
N LEU B 236 3.81 10.21 -16.45
CA LEU B 236 5.08 9.62 -16.96
C LEU B 236 5.20 8.19 -16.43
N THR B 237 5.60 7.29 -17.31
CA THR B 237 5.68 5.83 -17.07
C THR B 237 7.12 5.41 -17.28
N GLY B 238 7.65 4.51 -16.43
CA GLY B 238 9.00 3.95 -16.59
C GLY B 238 8.93 2.44 -16.78
N ARG B 239 9.20 1.95 -17.99
CA ARG B 239 9.17 0.50 -18.34
C ARG B 239 10.38 -0.19 -17.68
N SER B 240 10.30 -1.51 -17.49
CA SER B 240 11.39 -2.36 -16.96
C SER B 240 12.13 -2.96 -18.15
N THR B 241 13.46 -3.00 -18.12
CA THR B 241 14.26 -3.58 -19.23
C THR B 241 14.06 -5.10 -19.25
N MET B 242 13.42 -5.67 -18.22
CA MET B 242 13.24 -7.14 -18.07
C MET B 242 11.91 -7.57 -18.70
N ARG B 243 11.97 -8.64 -19.49
CA ARG B 243 10.84 -9.16 -20.31
C ARG B 243 10.09 -10.19 -19.46
N LEU B 244 8.81 -9.94 -19.18
CA LEU B 244 7.95 -10.92 -18.47
C LEU B 244 7.59 -12.03 -19.46
N PRO B 245 7.24 -13.24 -18.97
CA PRO B 245 6.97 -14.39 -19.85
C PRO B 245 6.00 -14.16 -21.02
N ASP B 246 5.01 -13.28 -20.90
CA ASP B 246 4.02 -13.04 -22.00
C ASP B 246 4.51 -11.92 -22.92
N GLY B 247 5.81 -11.58 -22.85
CA GLY B 247 6.44 -10.57 -23.73
C GLY B 247 5.98 -9.16 -23.40
N SER B 248 5.32 -9.02 -22.24
CA SER B 248 4.94 -7.74 -21.60
C SER B 248 6.13 -7.24 -20.76
N TYR B 249 6.18 -5.93 -20.50
CA TYR B 249 7.18 -5.25 -19.63
C TYR B 249 6.46 -4.48 -18.53
N PHE B 250 6.77 -4.74 -17.26
CA PHE B 250 6.17 -4.03 -16.09
C PHE B 250 6.39 -2.53 -16.24
N GLU B 251 5.35 -1.76 -15.93
CA GLU B 251 5.34 -0.29 -16.12
C GLU B 251 5.10 0.36 -14.75
N TYR B 252 6.10 1.13 -14.28
CA TYR B 252 6.06 1.98 -13.07
C TYR B 252 5.38 3.30 -13.39
N PRO B 253 4.16 3.57 -12.90
CA PRO B 253 3.45 4.80 -13.24
C PRO B 253 3.75 5.97 -12.30
N PHE B 254 4.28 7.07 -12.83
CA PHE B 254 4.54 8.32 -12.05
C PHE B 254 3.61 9.43 -12.53
N THR B 255 3.64 10.53 -11.78
CA THR B 255 2.88 11.76 -12.03
C THR B 255 3.67 12.89 -11.38
N TYR B 256 3.82 14.01 -12.07
CA TYR B 256 4.54 15.19 -11.54
C TYR B 256 3.71 16.46 -11.77
N LEU B 257 3.96 17.48 -10.96
CA LEU B 257 3.56 18.87 -11.27
C LEU B 257 4.70 19.82 -10.96
N VAL B 258 4.63 21.02 -11.54
CA VAL B 258 5.54 22.17 -11.27
C VAL B 258 4.65 23.27 -10.69
N ALA B 259 5.05 23.88 -9.58
CA ALA B 259 4.18 24.80 -8.81
C ALA B 259 5.01 25.99 -8.31
N GLY B 260 4.34 27.13 -8.12
CA GLY B 260 4.93 28.40 -7.63
C GLY B 260 3.98 29.11 -6.67
N ARG B 261 4.50 30.04 -5.87
CA ARG B 261 3.69 30.85 -4.93
C ARG B 261 3.29 32.16 -5.62
N ARG B 262 2.62 33.07 -4.92
CA ARG B 262 2.36 34.44 -5.41
C ARG B 262 2.45 35.43 -4.25
#